data_4DWX
#
_entry.id   4DWX
#
_cell.length_a   64.914
_cell.length_b   84.684
_cell.length_c   108.815
_cell.angle_alpha   90.00
_cell.angle_beta   90.00
_cell.angle_gamma   90.00
#
_symmetry.space_group_name_H-M   'P 21 21 21'
#
loop_
_entity.id
_entity.type
_entity.pdbx_description
1 polymer 'Basic endochitinase C'
2 non-polymer '2-(N-MORPHOLINO)-ETHANESULFONIC ACID'
3 non-polymer 'SULFATE ION'
4 non-polymer 'ZINC ION'
5 water water
#
_entity_poly.entity_id   1
_entity_poly.type   'polypeptide(L)'
_entity_poly.pdbx_seq_one_letter_code
;MSVSSIISHAQFDRMLLHRNDGACQAKGFYTYDAFVAAANAFPGFGATGSTDARKRDVAAFLAQTSHETTGGWATAPDGA
FAWGYCFKQERGAAADYCTPSAQWPCAPGKRYYGRGPIQLSHNYNYGPAGRAIGVDLLRNPDLVATDPTVSFKTALWFWM
TAQAPKPSSHAVITGKWSPSGADRAAGRAPGFGVITNIINGGLECGHGQDSRVADRIGFYKRYCDILGVGYGDNLDCYNQ
RPFA
;
_entity_poly.pdbx_strand_id   A,B
#
loop_
_chem_comp.id
_chem_comp.type
_chem_comp.name
_chem_comp.formula
MES non-polymer '2-(N-MORPHOLINO)-ETHANESULFONIC ACID' 'C6 H13 N O4 S'
SO4 non-polymer 'SULFATE ION' 'O4 S -2'
ZN non-polymer 'ZINC ION' 'Zn 2'
#
# COMPACT_ATOMS: atom_id res chain seq x y z
N SER A 2 -4.62 -18.86 9.63
CA SER A 2 -5.20 -19.78 8.60
C SER A 2 -4.22 -20.13 7.48
N VAL A 3 -3.01 -19.57 7.52
CA VAL A 3 -2.03 -19.90 6.49
C VAL A 3 -1.64 -21.36 6.69
N SER A 4 -1.96 -21.87 7.88
CA SER A 4 -1.66 -23.26 8.21
C SER A 4 -2.39 -24.22 7.27
N SER A 5 -3.41 -23.74 6.58
CA SER A 5 -4.16 -24.57 5.63
C SER A 5 -3.40 -24.69 4.32
N ILE A 6 -2.36 -23.88 4.15
CA ILE A 6 -1.55 -23.88 2.93
C ILE A 6 -0.19 -24.53 3.15
N ILE A 7 0.40 -24.28 4.31
CA ILE A 7 1.70 -24.85 4.63
C ILE A 7 1.67 -25.42 6.05
N SER A 8 1.97 -26.71 6.17
CA SER A 8 1.96 -27.38 7.46
C SER A 8 3.30 -27.15 8.15
N HIS A 9 3.35 -27.47 9.44
CA HIS A 9 4.60 -27.32 10.18
C HIS A 9 5.67 -28.19 9.54
N ALA A 10 5.30 -29.41 9.15
CA ALA A 10 6.24 -30.34 8.53
C ALA A 10 6.83 -29.77 7.25
N GLN A 11 5.99 -29.18 6.40
CA GLN A 11 6.46 -28.60 5.15
C GLN A 11 7.36 -27.40 5.41
N PHE A 12 6.99 -26.59 6.41
CA PHE A 12 7.78 -25.41 6.79
C PHE A 12 9.21 -25.83 7.17
N ASP A 13 9.34 -26.89 7.97
CA ASP A 13 10.67 -27.35 8.37
C ASP A 13 11.44 -28.02 7.23
N ARG A 14 10.73 -28.66 6.31
CA ARG A 14 11.39 -29.32 5.18
C ARG A 14 11.98 -28.21 4.30
N MET A 15 11.25 -27.11 4.16
CA MET A 15 11.73 -25.97 3.39
C MET A 15 12.94 -25.33 4.07
N LEU A 16 12.77 -24.86 5.30
CA LEU A 16 13.85 -24.22 6.05
C LEU A 16 14.57 -25.32 6.84
N LEU A 17 15.09 -26.28 6.09
CA LEU A 17 15.74 -27.47 6.63
C LEU A 17 16.88 -27.37 7.62
N HIS A 18 17.92 -26.62 7.26
CA HIS A 18 19.08 -26.50 8.13
C HIS A 18 19.25 -25.19 8.88
N ARG A 19 18.16 -24.42 9.00
CA ARG A 19 18.24 -23.13 9.69
C ARG A 19 18.72 -23.24 11.13
N ASN A 20 18.47 -24.38 11.78
CA ASN A 20 18.88 -24.54 13.16
C ASN A 20 20.19 -25.29 13.37
N ASP A 21 20.94 -25.47 12.28
CA ASP A 21 22.24 -26.13 12.38
C ASP A 21 23.17 -25.21 13.18
N GLY A 22 24.11 -25.82 13.90
CA GLY A 22 25.02 -25.03 14.72
C GLY A 22 25.76 -23.91 14.02
N ALA A 23 25.98 -24.05 12.73
CA ALA A 23 26.70 -23.03 11.98
C ALA A 23 25.87 -21.77 11.72
N CYS A 24 24.57 -21.84 11.97
CA CYS A 24 23.69 -20.71 11.73
C CYS A 24 23.53 -19.71 12.87
N GLN A 25 23.76 -18.44 12.55
CA GLN A 25 23.66 -17.34 13.51
C GLN A 25 22.30 -17.29 14.23
N ALA A 26 21.22 -17.52 13.48
CA ALA A 26 19.89 -17.45 14.06
C ALA A 26 19.32 -18.78 14.58
N LYS A 27 20.18 -19.78 14.76
CA LYS A 27 19.72 -21.07 15.26
C LYS A 27 18.75 -20.91 16.43
N GLY A 28 17.61 -21.58 16.33
CA GLY A 28 16.60 -21.54 17.38
C GLY A 28 15.65 -20.36 17.39
N PHE A 29 15.87 -19.40 16.48
CA PHE A 29 15.05 -18.20 16.44
C PHE A 29 13.72 -18.31 15.68
N TYR A 30 13.81 -18.66 14.41
CA TYR A 30 12.64 -18.75 13.54
C TYR A 30 11.79 -19.99 13.78
N THR A 31 10.55 -19.80 14.22
CA THR A 31 9.66 -20.92 14.48
C THR A 31 8.42 -20.89 13.61
N TYR A 32 7.84 -22.07 13.41
CA TYR A 32 6.63 -22.17 12.63
C TYR A 32 5.50 -21.43 13.32
N ASP A 33 5.41 -21.56 14.64
CA ASP A 33 4.33 -20.87 15.36
C ASP A 33 4.44 -19.35 15.24
N ALA A 34 5.66 -18.82 15.18
CA ALA A 34 5.85 -17.38 15.03
C ALA A 34 5.42 -16.96 13.62
N PHE A 35 5.72 -17.81 12.63
CA PHE A 35 5.32 -17.54 11.25
C PHE A 35 3.81 -17.49 11.14
N VAL A 36 3.15 -18.47 11.75
CA VAL A 36 1.68 -18.52 11.70
C VAL A 36 1.05 -17.36 12.43
N ALA A 37 1.60 -17.00 13.58
CA ALA A 37 1.09 -15.89 14.37
C ALA A 37 1.24 -14.59 13.59
N ALA A 38 2.39 -14.43 12.93
CA ALA A 38 2.63 -13.23 12.14
C ALA A 38 1.64 -13.16 10.96
N ALA A 39 1.43 -14.30 10.30
CA ALA A 39 0.51 -14.33 9.17
C ALA A 39 -0.91 -13.90 9.57
N ASN A 40 -1.31 -14.17 10.81
CA ASN A 40 -2.65 -13.79 11.27
C ASN A 40 -2.89 -12.29 11.21
N ALA A 41 -1.81 -11.51 11.27
CA ALA A 41 -1.89 -10.05 11.23
C ALA A 41 -2.02 -9.52 9.80
N PHE A 42 -1.85 -10.41 8.82
CA PHE A 42 -1.96 -10.08 7.39
C PHE A 42 -2.84 -11.17 6.78
N PRO A 43 -4.15 -11.14 7.08
CA PRO A 43 -5.15 -12.10 6.62
C PRO A 43 -5.13 -12.49 5.14
N GLY A 44 -4.83 -11.54 4.27
CA GLY A 44 -4.80 -11.85 2.84
C GLY A 44 -3.66 -12.74 2.40
N PHE A 45 -2.58 -12.78 3.17
CA PHE A 45 -1.43 -13.61 2.81
C PHE A 45 -1.77 -15.10 2.82
N GLY A 46 -1.56 -15.77 1.69
CA GLY A 46 -1.86 -17.19 1.58
C GLY A 46 -3.35 -17.48 1.57
N ALA A 47 -4.17 -16.43 1.44
CA ALA A 47 -5.62 -16.60 1.43
C ALA A 47 -6.29 -15.82 0.30
N THR A 48 -5.49 -15.42 -0.68
CA THR A 48 -6.01 -14.64 -1.80
C THR A 48 -5.76 -15.35 -3.12
N GLY A 49 -6.83 -15.58 -3.88
CA GLY A 49 -6.71 -16.23 -5.17
C GLY A 49 -7.00 -17.73 -5.13
N SER A 50 -6.63 -18.41 -6.21
CA SER A 50 -6.83 -19.85 -6.32
C SER A 50 -5.91 -20.58 -5.34
N THR A 51 -6.16 -21.87 -5.13
CA THR A 51 -5.32 -22.65 -4.23
C THR A 51 -3.87 -22.55 -4.70
N ASP A 52 -3.66 -22.58 -6.01
CA ASP A 52 -2.32 -22.48 -6.55
C ASP A 52 -1.70 -21.12 -6.27
N ALA A 53 -2.49 -20.05 -6.39
CA ALA A 53 -1.99 -18.70 -6.13
C ALA A 53 -1.58 -18.58 -4.66
N ARG A 54 -2.36 -19.19 -3.78
CA ARG A 54 -2.08 -19.16 -2.35
C ARG A 54 -0.79 -19.90 -2.04
N LYS A 55 -0.57 -21.05 -2.69
CA LYS A 55 0.66 -21.80 -2.46
C LYS A 55 1.85 -21.00 -2.96
N ARG A 56 1.73 -20.40 -4.14
CA ARG A 56 2.84 -19.60 -4.67
C ARG A 56 3.13 -18.37 -3.80
N ASP A 57 2.07 -17.79 -3.22
CA ASP A 57 2.20 -16.61 -2.35
C ASP A 57 3.10 -17.00 -1.17
N VAL A 58 2.84 -18.15 -0.57
CA VAL A 58 3.64 -18.63 0.56
C VAL A 58 5.05 -19.01 0.10
N ALA A 59 5.16 -19.78 -0.98
CA ALA A 59 6.47 -20.21 -1.49
C ALA A 59 7.35 -19.04 -1.91
N ALA A 60 6.77 -18.06 -2.59
CA ALA A 60 7.54 -16.91 -3.04
C ALA A 60 7.99 -16.07 -1.84
N PHE A 61 7.11 -15.89 -0.86
CA PHE A 61 7.49 -15.13 0.31
C PHE A 61 8.67 -15.82 1.00
N LEU A 62 8.54 -17.11 1.27
CA LEU A 62 9.63 -17.83 1.94
C LEU A 62 10.90 -17.90 1.08
N ALA A 63 10.75 -17.94 -0.24
CA ALA A 63 11.92 -18.01 -1.12
C ALA A 63 12.71 -16.71 -1.14
N GLN A 64 12.01 -15.58 -1.27
CA GLN A 64 12.72 -14.31 -1.30
C GLN A 64 13.38 -14.01 0.04
N THR A 65 12.67 -14.26 1.13
CA THR A 65 13.24 -14.01 2.45
C THR A 65 14.38 -14.98 2.73
N SER A 66 14.27 -16.20 2.21
CA SER A 66 15.32 -17.20 2.39
C SER A 66 16.60 -16.70 1.74
N HIS A 67 16.48 -16.11 0.55
CA HIS A 67 17.69 -15.59 -0.12
C HIS A 67 18.33 -14.48 0.70
N GLU A 68 17.50 -13.61 1.27
CA GLU A 68 18.01 -12.49 2.06
C GLU A 68 18.74 -12.93 3.32
N THR A 69 18.44 -14.15 3.79
CA THR A 69 19.04 -14.68 5.01
C THR A 69 19.75 -16.02 4.80
N THR A 70 20.13 -16.31 3.56
CA THR A 70 20.74 -17.59 3.27
C THR A 70 22.16 -17.81 3.78
N GLY A 71 22.41 -19.05 4.20
CA GLY A 71 23.73 -19.43 4.66
C GLY A 71 24.22 -20.58 3.79
N GLY A 72 23.59 -20.75 2.64
CA GLY A 72 23.95 -21.84 1.75
C GLY A 72 25.19 -21.65 0.91
N TRP A 73 25.62 -22.74 0.27
CA TRP A 73 26.77 -22.74 -0.61
C TRP A 73 26.58 -23.92 -1.57
N ALA A 74 27.25 -23.86 -2.72
CA ALA A 74 27.13 -24.88 -3.76
C ALA A 74 27.03 -26.34 -3.31
N THR A 75 27.99 -26.77 -2.50
CA THR A 75 28.03 -28.15 -2.04
C THR A 75 27.44 -28.38 -0.65
N ALA A 76 26.52 -27.51 -0.25
CA ALA A 76 25.89 -27.65 1.06
C ALA A 76 24.99 -28.86 1.11
N PRO A 77 24.81 -29.45 2.32
CA PRO A 77 23.94 -30.62 2.48
C PRO A 77 22.54 -30.27 2.01
N ASP A 78 21.99 -31.09 1.12
CA ASP A 78 20.65 -30.91 0.57
C ASP A 78 20.57 -29.73 -0.40
N GLY A 79 21.73 -29.23 -0.79
CA GLY A 79 21.79 -28.13 -1.74
C GLY A 79 21.72 -26.76 -1.10
N ALA A 80 22.13 -25.76 -1.86
CA ALA A 80 22.14 -24.38 -1.37
C ALA A 80 20.74 -23.86 -1.03
N PHE A 81 19.71 -24.48 -1.57
CA PHE A 81 18.36 -24.00 -1.33
C PHE A 81 17.67 -24.63 -0.13
N ALA A 82 18.48 -25.18 0.77
CA ALA A 82 17.97 -25.79 1.98
C ALA A 82 18.50 -24.98 3.17
N TRP A 83 19.24 -23.92 2.86
CA TRP A 83 19.85 -23.09 3.90
C TRP A 83 19.33 -21.67 4.12
N GLY A 84 18.06 -21.45 3.86
CA GLY A 84 17.50 -20.12 4.10
C GLY A 84 17.29 -19.91 5.59
N TYR A 85 17.07 -18.66 5.97
CA TYR A 85 16.82 -18.30 7.37
C TYR A 85 17.94 -18.66 8.36
N CYS A 86 19.17 -18.63 7.87
CA CYS A 86 20.33 -18.96 8.70
C CYS A 86 20.77 -17.73 9.51
N PHE A 87 20.43 -16.54 9.04
CA PHE A 87 20.77 -15.28 9.72
C PHE A 87 19.54 -14.45 10.09
N LYS A 88 19.68 -13.58 11.09
CA LYS A 88 18.57 -12.71 11.51
C LYS A 88 18.99 -11.25 11.60
N GLN A 89 20.29 -10.98 11.45
CA GLN A 89 20.75 -9.59 11.47
C GLN A 89 22.01 -9.42 10.65
N GLU A 90 22.18 -8.21 10.13
CA GLU A 90 23.32 -7.87 9.30
C GLU A 90 24.63 -8.30 9.94
N ARG A 91 25.46 -9.00 9.17
CA ARG A 91 26.74 -9.47 9.68
C ARG A 91 27.76 -8.34 9.62
N GLY A 92 28.62 -8.28 10.63
CA GLY A 92 29.65 -7.25 10.65
C GLY A 92 29.37 -6.03 11.50
N ALA A 93 30.15 -4.97 11.27
CA ALA A 93 30.01 -3.73 12.01
C ALA A 93 28.77 -2.95 11.58
N ALA A 94 28.26 -3.27 10.40
CA ALA A 94 27.06 -2.62 9.87
C ALA A 94 27.12 -1.10 9.84
N ALA A 95 26.03 -0.44 10.23
CA ALA A 95 25.95 1.02 10.21
C ALA A 95 24.76 1.48 11.04
N ASP A 96 24.59 2.80 11.16
CA ASP A 96 23.46 3.35 11.91
C ASP A 96 22.16 3.27 11.12
N TYR A 97 22.26 3.49 9.81
CA TYR A 97 21.10 3.51 8.92
C TYR A 97 20.03 4.45 9.46
N CYS A 98 20.47 5.63 9.87
CA CYS A 98 19.57 6.65 10.39
C CYS A 98 19.65 7.89 9.50
N THR A 99 18.56 8.23 8.83
CA THR A 99 18.54 9.42 7.99
C THR A 99 17.51 10.40 8.51
N PRO A 100 17.74 11.71 8.30
CA PRO A 100 16.82 12.74 8.76
C PRO A 100 15.38 12.47 8.35
N SER A 101 14.49 12.48 9.34
CA SER A 101 13.08 12.23 9.10
C SER A 101 12.24 12.73 10.29
N ALA A 102 11.34 13.65 10.00
CA ALA A 102 10.44 14.19 11.02
C ALA A 102 9.25 13.23 11.17
N GLN A 103 9.03 12.41 10.15
CA GLN A 103 7.93 11.44 10.18
C GLN A 103 8.32 10.17 10.96
N TRP A 104 9.57 9.72 10.78
CA TRP A 104 10.07 8.52 11.45
C TRP A 104 11.43 8.86 12.06
N PRO A 105 11.45 9.75 13.06
CA PRO A 105 12.70 10.16 13.72
C PRO A 105 13.47 9.02 14.38
N CYS A 106 14.79 9.04 14.23
CA CYS A 106 15.61 7.99 14.84
C CYS A 106 15.63 8.22 16.34
N ALA A 107 15.75 7.14 17.09
CA ALA A 107 15.81 7.21 18.55
C ALA A 107 17.30 7.20 18.91
N PRO A 108 17.72 8.07 19.84
CA PRO A 108 19.15 8.10 20.22
C PRO A 108 19.74 6.75 20.63
N GLY A 109 20.94 6.46 20.13
CA GLY A 109 21.61 5.22 20.48
C GLY A 109 21.17 3.98 19.74
N LYS A 110 20.10 4.07 18.96
CA LYS A 110 19.60 2.92 18.22
C LYS A 110 20.13 2.87 16.79
N ARG A 111 20.24 1.65 16.25
CA ARG A 111 20.71 1.43 14.88
C ARG A 111 19.68 0.63 14.11
N TYR A 112 19.46 0.97 12.85
CA TYR A 112 18.46 0.31 12.03
C TYR A 112 19.03 -0.57 10.93
N TYR A 113 20.05 -1.35 11.28
CA TYR A 113 20.66 -2.25 10.32
C TYR A 113 19.72 -3.41 10.02
N GLY A 114 20.03 -4.17 8.98
CA GLY A 114 19.18 -5.27 8.57
C GLY A 114 18.81 -6.26 9.66
N ARG A 115 17.52 -6.51 9.83
CA ARG A 115 17.05 -7.47 10.82
C ARG A 115 15.86 -8.26 10.28
N GLY A 116 15.76 -9.52 10.65
CA GLY A 116 14.62 -10.32 10.21
C GLY A 116 14.71 -10.92 8.82
N PRO A 117 13.66 -11.64 8.40
CA PRO A 117 13.57 -12.30 7.10
C PRO A 117 13.80 -11.42 5.87
N ILE A 118 13.37 -10.16 5.94
CA ILE A 118 13.56 -9.28 4.79
C ILE A 118 14.72 -8.31 5.02
N GLN A 119 15.43 -8.49 6.14
CA GLN A 119 16.54 -7.62 6.51
C GLN A 119 16.14 -6.15 6.43
N LEU A 120 15.06 -5.86 7.15
CA LEU A 120 14.48 -4.52 7.27
C LEU A 120 15.60 -3.56 7.67
N SER A 121 15.75 -2.44 6.95
CA SER A 121 16.81 -1.45 7.23
C SER A 121 16.33 0.00 7.12
N HIS A 122 16.95 0.87 7.93
CA HIS A 122 16.67 2.32 8.00
C HIS A 122 15.47 2.71 8.83
N ASN A 123 15.57 3.84 9.53
CA ASN A 123 14.48 4.32 10.37
C ASN A 123 13.19 4.54 9.58
N TYR A 124 13.30 5.01 8.34
CA TYR A 124 12.10 5.26 7.56
C TYR A 124 11.36 4.00 7.10
N ASN A 125 11.92 2.83 7.41
CA ASN A 125 11.26 1.57 7.11
C ASN A 125 10.83 0.95 8.45
N TYR A 126 11.66 1.08 9.48
CA TYR A 126 11.28 0.54 10.79
C TYR A 126 10.06 1.30 11.28
N GLY A 127 9.97 2.58 10.91
CA GLY A 127 8.85 3.40 11.33
C GLY A 127 7.50 2.90 10.83
N PRO A 128 7.29 2.87 9.51
CA PRO A 128 6.02 2.39 8.98
C PRO A 128 5.75 0.92 9.27
N ALA A 129 6.79 0.11 9.33
CA ALA A 129 6.59 -1.31 9.62
C ALA A 129 6.09 -1.46 11.06
N GLY A 130 6.67 -0.67 11.96
CA GLY A 130 6.27 -0.72 13.36
C GLY A 130 4.83 -0.26 13.52
N ARG A 131 4.48 0.82 12.81
CA ARG A 131 3.11 1.32 12.91
C ARG A 131 2.13 0.25 12.40
N ALA A 132 2.51 -0.43 11.32
CA ALA A 132 1.66 -1.46 10.73
C ALA A 132 1.36 -2.60 11.70
N ILE A 133 2.36 -2.99 12.49
CA ILE A 133 2.16 -4.10 13.41
C ILE A 133 1.87 -3.71 14.86
N GLY A 134 1.79 -2.40 15.11
CA GLY A 134 1.50 -1.91 16.45
C GLY A 134 2.62 -2.06 17.48
N VAL A 135 3.86 -1.91 17.01
CA VAL A 135 5.04 -2.01 17.88
C VAL A 135 5.95 -0.82 17.57
N ASP A 136 6.51 -0.20 18.60
CA ASP A 136 7.39 0.96 18.39
C ASP A 136 8.79 0.49 18.03
N LEU A 137 8.99 0.19 16.74
CA LEU A 137 10.28 -0.29 16.28
C LEU A 137 11.34 0.80 16.13
N LEU A 138 10.94 2.07 16.20
CA LEU A 138 11.94 3.14 16.12
C LEU A 138 12.66 3.19 17.46
N ARG A 139 11.91 3.02 18.55
CA ARG A 139 12.52 3.05 19.85
C ARG A 139 13.10 1.71 20.26
N ASN A 140 12.60 0.63 19.68
CA ASN A 140 13.08 -0.72 20.02
C ASN A 140 13.30 -1.54 18.75
N PRO A 141 14.23 -1.12 17.87
CA PRO A 141 14.45 -1.87 16.64
C PRO A 141 14.95 -3.30 16.84
N ASP A 142 15.62 -3.54 17.95
CA ASP A 142 16.16 -4.88 18.21
C ASP A 142 15.09 -5.96 18.32
N LEU A 143 13.84 -5.56 18.52
CA LEU A 143 12.75 -6.53 18.61
C LEU A 143 12.65 -7.33 17.31
N VAL A 144 13.12 -6.76 16.20
CA VAL A 144 13.04 -7.47 14.92
C VAL A 144 14.02 -8.64 14.90
N ALA A 145 14.99 -8.63 15.82
CA ALA A 145 15.97 -9.72 15.89
C ALA A 145 15.82 -10.53 17.19
N THR A 146 14.93 -10.11 18.08
CA THR A 146 14.75 -10.85 19.35
C THR A 146 13.38 -11.50 19.53
N ASP A 147 12.37 -11.01 18.81
CA ASP A 147 11.00 -11.55 18.90
C ASP A 147 10.69 -12.09 17.51
N PRO A 148 10.65 -13.44 17.35
CA PRO A 148 10.36 -14.02 16.04
C PRO A 148 9.03 -13.68 15.40
N THR A 149 8.01 -13.42 16.22
CA THR A 149 6.71 -13.07 15.66
C THR A 149 6.82 -11.68 15.04
N VAL A 150 7.45 -10.76 15.75
CA VAL A 150 7.65 -9.40 15.23
C VAL A 150 8.52 -9.48 13.99
N SER A 151 9.56 -10.32 14.06
CA SER A 151 10.47 -10.50 12.94
C SER A 151 9.69 -10.89 11.68
N PHE A 152 8.88 -11.95 11.77
CA PHE A 152 8.10 -12.37 10.61
C PHE A 152 7.10 -11.30 10.18
N LYS A 153 6.53 -10.58 11.14
CA LYS A 153 5.57 -9.54 10.79
C LYS A 153 6.20 -8.42 9.96
N THR A 154 7.44 -8.05 10.25
CA THR A 154 8.07 -6.98 9.46
C THR A 154 8.25 -7.46 8.02
N ALA A 155 8.60 -8.72 7.85
CA ALA A 155 8.79 -9.26 6.50
C ALA A 155 7.46 -9.33 5.75
N LEU A 156 6.41 -9.75 6.43
CA LEU A 156 5.10 -9.82 5.76
C LEU A 156 4.63 -8.39 5.42
N TRP A 157 4.93 -7.43 6.30
CA TRP A 157 4.56 -6.04 6.03
C TRP A 157 5.17 -5.65 4.68
N PHE A 158 6.44 -5.98 4.48
CA PHE A 158 7.11 -5.65 3.24
C PHE A 158 6.45 -6.36 2.07
N TRP A 159 6.15 -7.64 2.27
CA TRP A 159 5.52 -8.48 1.25
C TRP A 159 4.17 -7.94 0.80
N MET A 160 3.41 -7.39 1.76
CA MET A 160 2.07 -6.90 1.48
C MET A 160 1.94 -5.43 1.15
N THR A 161 3.04 -4.69 1.20
CA THR A 161 2.99 -3.26 0.97
C THR A 161 3.53 -2.79 -0.38
N ALA A 162 2.71 -2.04 -1.10
CA ALA A 162 3.13 -1.50 -2.39
C ALA A 162 4.02 -0.28 -2.17
N GLN A 163 4.85 0.03 -3.16
CA GLN A 163 5.71 1.22 -3.14
C GLN A 163 5.54 1.75 -4.55
N ALA A 164 4.34 2.23 -4.86
CA ALA A 164 4.02 2.72 -6.20
C ALA A 164 5.15 3.53 -6.82
N PRO A 165 5.48 3.26 -8.10
CA PRO A 165 4.91 2.28 -9.03
C PRO A 165 5.13 0.79 -8.79
N LYS A 166 5.93 0.44 -7.79
CA LYS A 166 6.13 -0.98 -7.49
C LYS A 166 4.88 -1.48 -6.78
N PRO A 167 4.30 -2.59 -7.26
CA PRO A 167 3.10 -3.12 -6.59
C PRO A 167 3.61 -3.93 -5.40
N SER A 168 2.73 -4.46 -4.56
CA SER A 168 3.20 -5.28 -3.46
C SER A 168 3.59 -6.61 -4.11
N SER A 169 4.53 -7.33 -3.51
CA SER A 169 4.94 -8.63 -4.04
C SER A 169 3.74 -9.57 -4.01
N HIS A 170 2.95 -9.45 -2.96
CA HIS A 170 1.75 -10.26 -2.77
C HIS A 170 0.80 -10.11 -3.96
N ALA A 171 0.57 -8.87 -4.38
CA ALA A 171 -0.32 -8.60 -5.51
C ALA A 171 0.20 -9.26 -6.79
N VAL A 172 1.51 -9.20 -7.00
CA VAL A 172 2.08 -9.80 -8.19
C VAL A 172 1.88 -11.31 -8.23
N ILE A 173 2.31 -11.98 -7.16
CA ILE A 173 2.24 -13.43 -7.10
C ILE A 173 0.82 -14.00 -7.09
N THR A 174 -0.15 -13.23 -6.60
CA THR A 174 -1.52 -13.72 -6.56
C THR A 174 -2.29 -13.34 -7.82
N GLY A 175 -1.58 -12.72 -8.77
CA GLY A 175 -2.18 -12.33 -10.04
C GLY A 175 -3.10 -11.13 -10.00
N LYS A 176 -2.86 -10.20 -9.07
CA LYS A 176 -3.70 -9.02 -8.94
C LYS A 176 -3.05 -7.75 -9.46
N TRP A 177 -1.85 -7.86 -9.98
CA TRP A 177 -1.13 -6.69 -10.50
C TRP A 177 -1.42 -6.43 -11.96
N SER A 178 -1.73 -5.17 -12.29
CA SER A 178 -1.99 -4.78 -13.66
C SER A 178 -0.87 -3.86 -14.10
N PRO A 179 0.10 -4.38 -14.89
CA PRO A 179 1.24 -3.62 -15.38
C PRO A 179 0.84 -2.38 -16.18
N SER A 180 1.61 -1.31 -16.02
CA SER A 180 1.35 -0.06 -16.74
C SER A 180 2.02 -0.16 -18.11
N GLY A 181 1.81 0.86 -18.94
CA GLY A 181 2.46 0.87 -20.24
C GLY A 181 3.96 0.88 -20.04
N ALA A 182 4.41 1.60 -19.02
CA ALA A 182 5.83 1.70 -18.71
C ALA A 182 6.39 0.33 -18.32
N ASP A 183 5.65 -0.43 -17.54
CA ASP A 183 6.09 -1.76 -17.14
C ASP A 183 6.23 -2.65 -18.37
N ARG A 184 5.24 -2.62 -19.26
CA ARG A 184 5.30 -3.43 -20.46
C ARG A 184 6.52 -3.07 -21.30
N ALA A 185 6.80 -1.78 -21.42
CA ALA A 185 7.93 -1.32 -22.21
C ALA A 185 9.27 -1.73 -21.59
N ALA A 186 9.27 -1.92 -20.27
CA ALA A 186 10.49 -2.30 -19.55
C ALA A 186 10.63 -3.82 -19.48
N GLY A 187 9.63 -4.53 -20.00
CA GLY A 187 9.67 -5.98 -19.99
C GLY A 187 9.30 -6.59 -18.65
N ARG A 188 8.65 -5.81 -17.79
CA ARG A 188 8.25 -6.30 -16.48
C ARG A 188 6.90 -6.98 -16.54
N ALA A 189 6.90 -8.29 -16.68
CA ALA A 189 5.67 -9.08 -16.76
C ALA A 189 5.43 -9.78 -15.41
N PRO A 190 4.16 -10.04 -15.07
CA PRO A 190 3.79 -10.69 -13.82
C PRO A 190 4.47 -12.05 -13.64
N GLY A 191 5.07 -12.24 -12.47
CA GLY A 191 5.76 -13.49 -12.18
C GLY A 191 6.74 -13.27 -11.05
N PHE A 192 7.46 -14.35 -10.68
CA PHE A 192 8.43 -14.27 -9.60
C PHE A 192 9.53 -13.25 -9.91
N GLY A 193 9.91 -13.15 -11.18
CA GLY A 193 10.95 -12.22 -11.57
C GLY A 193 10.73 -10.76 -11.17
N VAL A 194 9.52 -10.25 -11.39
CA VAL A 194 9.24 -8.87 -11.05
C VAL A 194 9.31 -8.64 -9.54
N ILE A 195 9.09 -9.70 -8.75
CA ILE A 195 9.19 -9.57 -7.30
C ILE A 195 10.66 -9.35 -6.93
N THR A 196 11.55 -10.07 -7.61
CA THR A 196 12.98 -9.89 -7.37
C THR A 196 13.34 -8.44 -7.73
N ASN A 197 12.75 -7.96 -8.81
CA ASN A 197 12.98 -6.59 -9.28
C ASN A 197 12.53 -5.61 -8.19
N ILE A 198 11.35 -5.86 -7.62
CA ILE A 198 10.81 -5.02 -6.55
C ILE A 198 11.77 -4.96 -5.35
N ILE A 199 12.32 -6.11 -4.98
CA ILE A 199 13.20 -6.18 -3.84
C ILE A 199 14.60 -5.61 -4.02
N ASN A 200 15.26 -5.93 -5.12
CA ASN A 200 16.64 -5.44 -5.32
C ASN A 200 17.02 -5.36 -6.79
N GLY A 201 16.08 -4.95 -7.62
CA GLY A 201 16.31 -4.86 -9.06
C GLY A 201 17.44 -3.95 -9.50
N GLY A 202 17.63 -2.84 -8.80
CA GLY A 202 18.69 -1.92 -9.20
C GLY A 202 20.03 -2.63 -9.31
N LEU A 203 20.28 -3.55 -8.37
CA LEU A 203 21.54 -4.28 -8.36
C LEU A 203 21.54 -5.64 -9.06
N GLU A 204 20.37 -6.26 -9.17
CA GLU A 204 20.29 -7.61 -9.74
C GLU A 204 19.63 -7.83 -11.09
N CYS A 205 18.75 -6.93 -11.48
CA CYS A 205 17.99 -7.14 -12.70
C CYS A 205 18.41 -6.37 -13.94
N GLY A 206 17.95 -6.89 -15.08
CA GLY A 206 18.21 -6.26 -16.36
C GLY A 206 19.60 -6.30 -16.92
N HIS A 207 20.49 -7.12 -16.37
CA HIS A 207 21.83 -7.20 -16.93
C HIS A 207 22.25 -8.63 -17.22
N GLY A 208 21.30 -9.45 -17.63
CA GLY A 208 21.61 -10.83 -17.95
C GLY A 208 21.63 -11.76 -16.76
N GLN A 209 22.20 -12.96 -16.96
CA GLN A 209 22.31 -13.95 -15.89
C GLN A 209 22.91 -13.31 -14.66
N ASP A 210 22.37 -13.65 -13.49
CA ASP A 210 22.84 -13.09 -12.23
C ASP A 210 22.67 -14.17 -11.17
N SER A 211 23.77 -14.47 -10.47
CA SER A 211 23.74 -15.52 -9.45
C SER A 211 22.80 -15.26 -8.28
N ARG A 212 22.56 -14.00 -7.96
CA ARG A 212 21.64 -13.68 -6.86
C ARG A 212 20.22 -13.99 -7.28
N VAL A 213 19.87 -13.63 -8.52
CA VAL A 213 18.54 -13.90 -9.06
C VAL A 213 18.36 -15.41 -9.12
N ALA A 214 19.39 -16.13 -9.59
CA ALA A 214 19.32 -17.58 -9.70
C ALA A 214 19.11 -18.25 -8.34
N ASP A 215 19.74 -17.68 -7.30
CA ASP A 215 19.59 -18.25 -5.97
C ASP A 215 18.13 -18.09 -5.50
N ARG A 216 17.54 -16.92 -5.77
CA ARG A 216 16.15 -16.70 -5.37
C ARG A 216 15.23 -17.72 -6.05
N ILE A 217 15.48 -17.96 -7.35
CA ILE A 217 14.68 -18.91 -8.11
C ILE A 217 14.85 -20.34 -7.58
N GLY A 218 16.08 -20.67 -7.17
CA GLY A 218 16.35 -21.99 -6.62
C GLY A 218 15.49 -22.29 -5.42
N PHE A 219 15.42 -21.33 -4.50
CA PHE A 219 14.59 -21.46 -3.31
C PHE A 219 13.11 -21.58 -3.72
N TYR A 220 12.68 -20.70 -4.61
CA TYR A 220 11.29 -20.71 -5.05
C TYR A 220 10.88 -22.05 -5.66
N LYS A 221 11.68 -22.59 -6.57
CA LYS A 221 11.34 -23.86 -7.18
C LYS A 221 11.31 -25.00 -6.17
N ARG A 222 12.26 -25.00 -5.24
CA ARG A 222 12.29 -26.05 -4.22
C ARG A 222 11.06 -25.99 -3.33
N TYR A 223 10.68 -24.78 -2.93
CA TYR A 223 9.51 -24.59 -2.08
C TYR A 223 8.21 -24.90 -2.79
N CYS A 224 8.11 -24.56 -4.07
CA CYS A 224 6.89 -24.86 -4.83
C CYS A 224 6.75 -26.36 -4.97
N ASP A 225 7.88 -27.04 -5.15
CA ASP A 225 7.88 -28.49 -5.28
C ASP A 225 7.36 -29.12 -3.99
N ILE A 226 7.76 -28.56 -2.85
CA ILE A 226 7.33 -29.07 -1.55
C ILE A 226 5.82 -28.87 -1.33
N LEU A 227 5.29 -27.73 -1.73
CA LEU A 227 3.86 -27.47 -1.56
C LEU A 227 3.06 -28.13 -2.68
N GLY A 228 3.74 -28.51 -3.75
CA GLY A 228 3.08 -29.14 -4.86
C GLY A 228 2.34 -28.17 -5.78
N VAL A 229 3.04 -27.15 -6.26
CA VAL A 229 2.42 -26.17 -7.15
C VAL A 229 3.37 -25.81 -8.28
N GLY A 230 2.83 -25.41 -9.42
CA GLY A 230 3.65 -25.02 -10.56
C GLY A 230 4.27 -23.65 -10.26
N TYR A 231 5.41 -23.36 -10.87
CA TYR A 231 6.10 -22.09 -10.60
C TYR A 231 5.47 -20.84 -11.20
N GLY A 232 4.71 -21.00 -12.27
CA GLY A 232 4.12 -19.84 -12.92
C GLY A 232 5.16 -19.37 -13.92
N ASP A 233 4.85 -18.32 -14.67
CA ASP A 233 5.76 -17.81 -15.69
C ASP A 233 6.65 -16.66 -15.23
N ASN A 234 7.56 -16.26 -16.12
CA ASN A 234 8.48 -15.14 -15.90
C ASN A 234 9.20 -15.17 -14.58
N LEU A 235 9.95 -16.25 -14.35
CA LEU A 235 10.67 -16.41 -13.09
C LEU A 235 11.89 -15.52 -12.90
N ASP A 236 12.53 -15.10 -13.98
CA ASP A 236 13.71 -14.24 -13.86
C ASP A 236 13.48 -12.80 -14.28
N CYS A 237 14.45 -11.94 -13.96
CA CYS A 237 14.37 -10.52 -14.28
C CYS A 237 15.63 -10.11 -15.08
N TYR A 238 16.25 -11.08 -15.75
CA TYR A 238 17.47 -10.84 -16.52
C TYR A 238 17.34 -9.79 -17.63
N ASN A 239 16.13 -9.69 -18.17
CA ASN A 239 15.86 -8.75 -19.25
C ASN A 239 14.87 -7.64 -18.84
N GLN A 240 14.57 -7.54 -17.56
CA GLN A 240 13.65 -6.52 -17.08
C GLN A 240 14.40 -5.26 -16.68
N ARG A 241 13.90 -4.10 -17.09
CA ARG A 241 14.54 -2.86 -16.67
C ARG A 241 14.15 -2.72 -15.19
N PRO A 242 15.10 -2.33 -14.33
CA PRO A 242 14.79 -2.16 -12.91
C PRO A 242 13.78 -1.04 -12.65
N PHE A 243 12.97 -1.19 -11.61
CA PHE A 243 12.04 -0.13 -11.23
C PHE A 243 13.02 0.94 -10.75
N SER B 2 -11.15 2.07 -18.12
CA SER B 2 -12.54 1.61 -18.40
C SER B 2 -13.51 1.98 -17.28
N VAL B 3 -13.14 2.98 -16.48
CA VAL B 3 -14.02 3.41 -15.40
C VAL B 3 -15.29 3.98 -16.04
N SER B 4 -15.19 4.31 -17.33
CA SER B 4 -16.33 4.85 -18.07
C SER B 4 -17.45 3.81 -18.14
N SER B 5 -17.11 2.56 -17.86
CA SER B 5 -18.10 1.48 -17.86
C SER B 5 -19.02 1.57 -16.65
N ILE B 6 -18.57 2.29 -15.62
CA ILE B 6 -19.33 2.45 -14.39
C ILE B 6 -19.97 3.83 -14.24
N ILE B 7 -19.29 4.86 -14.71
CA ILE B 7 -19.82 6.21 -14.61
C ILE B 7 -19.64 6.94 -15.94
N SER B 8 -20.76 7.40 -16.49
CA SER B 8 -20.74 8.11 -17.77
C SER B 8 -20.47 9.58 -17.55
N HIS B 9 -20.20 10.29 -18.64
CA HIS B 9 -19.96 11.73 -18.57
C HIS B 9 -21.19 12.42 -17.99
N ALA B 10 -22.37 11.99 -18.41
CA ALA B 10 -23.60 12.59 -17.92
C ALA B 10 -23.76 12.40 -16.40
N GLN B 11 -23.47 11.20 -15.91
CA GLN B 11 -23.58 10.94 -14.48
C GLN B 11 -22.58 11.76 -13.69
N PHE B 12 -21.36 11.86 -14.21
CA PHE B 12 -20.29 12.64 -13.58
C PHE B 12 -20.74 14.10 -13.43
N ASP B 13 -21.29 14.66 -14.50
CA ASP B 13 -21.74 16.05 -14.46
C ASP B 13 -22.92 16.24 -13.53
N ARG B 14 -23.78 15.23 -13.40
CA ARG B 14 -24.92 15.34 -12.52
C ARG B 14 -24.45 15.31 -11.06
N MET B 15 -23.46 14.48 -10.76
CA MET B 15 -22.94 14.44 -9.40
C MET B 15 -22.27 15.77 -9.07
N LEU B 16 -21.30 16.18 -9.88
CA LEU B 16 -20.57 17.43 -9.67
C LEU B 16 -21.27 18.54 -10.45
N LEU B 17 -22.55 18.70 -10.12
CA LEU B 17 -23.47 19.64 -10.76
C LEU B 17 -23.12 21.12 -10.85
N HIS B 18 -22.68 21.69 -9.72
CA HIS B 18 -22.36 23.11 -9.68
C HIS B 18 -20.89 23.49 -9.56
N ARG B 19 -20.00 22.56 -9.87
CA ARG B 19 -18.56 22.85 -9.77
C ARG B 19 -18.13 24.02 -10.65
N ASN B 20 -18.83 24.24 -11.75
CA ASN B 20 -18.48 25.34 -12.64
C ASN B 20 -19.40 26.55 -12.50
N ASP B 21 -20.20 26.58 -11.43
CA ASP B 21 -21.14 27.68 -11.21
C ASP B 21 -20.76 28.60 -10.06
N GLY B 22 -21.73 29.41 -9.63
CA GLY B 22 -21.52 30.34 -8.53
C GLY B 22 -20.13 30.92 -8.41
N ALA B 23 -19.67 31.03 -7.16
CA ALA B 23 -18.35 31.58 -6.90
C ALA B 23 -17.31 30.49 -6.68
N CYS B 24 -17.39 29.40 -7.46
CA CYS B 24 -16.42 28.32 -7.30
C CYS B 24 -15.05 28.71 -7.87
N GLN B 25 -14.00 28.46 -7.09
CA GLN B 25 -12.62 28.79 -7.44
C GLN B 25 -12.00 27.92 -8.53
N ALA B 26 -12.50 26.70 -8.73
CA ALA B 26 -11.93 25.81 -9.73
C ALA B 26 -12.76 25.68 -11.01
N LYS B 27 -13.56 26.68 -11.32
CA LYS B 27 -14.40 26.64 -12.51
C LYS B 27 -13.65 26.22 -13.77
N GLY B 28 -14.17 25.19 -14.43
CA GLY B 28 -13.60 24.67 -15.66
C GLY B 28 -12.37 23.79 -15.53
N PHE B 29 -11.88 23.62 -14.31
CA PHE B 29 -10.68 22.82 -14.05
C PHE B 29 -10.90 21.31 -14.10
N TYR B 30 -11.85 20.84 -13.30
CA TYR B 30 -12.14 19.41 -13.22
C TYR B 30 -13.01 18.94 -14.37
N THR B 31 -12.45 18.05 -15.20
CA THR B 31 -13.18 17.54 -16.34
C THR B 31 -13.35 16.03 -16.28
N TYR B 32 -14.39 15.52 -16.95
CA TYR B 32 -14.65 14.10 -16.99
C TYR B 32 -13.50 13.39 -17.67
N ASP B 33 -12.97 13.98 -18.74
CA ASP B 33 -11.87 13.34 -19.44
C ASP B 33 -10.61 13.24 -18.59
N ALA B 34 -10.38 14.22 -17.72
CA ALA B 34 -9.20 14.20 -16.85
C ALA B 34 -9.37 13.07 -15.83
N PHE B 35 -10.59 12.92 -15.34
CA PHE B 35 -10.94 11.88 -14.37
C PHE B 35 -10.73 10.49 -14.97
N VAL B 36 -11.22 10.29 -16.19
CA VAL B 36 -11.06 9.00 -16.85
C VAL B 36 -9.59 8.70 -17.14
N ALA B 37 -8.85 9.70 -17.62
CA ALA B 37 -7.45 9.51 -17.92
C ALA B 37 -6.69 9.13 -16.65
N ALA B 38 -7.03 9.78 -15.55
CA ALA B 38 -6.38 9.51 -14.27
C ALA B 38 -6.70 8.09 -13.81
N ALA B 39 -7.95 7.69 -13.95
CA ALA B 39 -8.35 6.35 -13.53
C ALA B 39 -7.57 5.26 -14.27
N ASN B 40 -7.15 5.53 -15.50
CA ASN B 40 -6.41 4.53 -16.25
C ASN B 40 -5.05 4.18 -15.64
N ALA B 41 -4.53 5.08 -14.81
CA ALA B 41 -3.25 4.85 -14.16
C ALA B 41 -3.43 3.98 -12.90
N PHE B 42 -4.68 3.76 -12.51
CA PHE B 42 -5.03 2.97 -11.34
C PHE B 42 -6.12 2.00 -11.80
N PRO B 43 -5.75 1.02 -12.64
CA PRO B 43 -6.65 0.02 -13.21
C PRO B 43 -7.64 -0.67 -12.27
N GLY B 44 -7.27 -0.84 -11.01
CA GLY B 44 -8.18 -1.50 -10.08
C GLY B 44 -9.37 -0.65 -9.65
N PHE B 45 -9.25 0.67 -9.78
CA PHE B 45 -10.32 1.59 -9.39
C PHE B 45 -11.55 1.44 -10.26
N GLY B 46 -12.69 1.15 -9.63
CA GLY B 46 -13.92 0.98 -10.37
C GLY B 46 -13.95 -0.30 -11.20
N ALA B 47 -12.96 -1.16 -11.02
CA ALA B 47 -12.89 -2.40 -11.77
C ALA B 47 -12.59 -3.59 -10.88
N THR B 48 -12.80 -3.42 -9.58
CA THR B 48 -12.55 -4.49 -8.61
C THR B 48 -13.81 -4.89 -7.87
N GLY B 49 -14.17 -6.17 -7.94
CA GLY B 49 -15.36 -6.65 -7.26
C GLY B 49 -16.60 -6.70 -8.15
N SER B 50 -17.76 -6.87 -7.51
CA SER B 50 -19.03 -6.92 -8.22
C SER B 50 -19.32 -5.56 -8.83
N THR B 51 -20.36 -5.48 -9.64
CA THR B 51 -20.74 -4.22 -10.25
C THR B 51 -21.16 -3.26 -9.14
N ASP B 52 -21.81 -3.78 -8.10
CA ASP B 52 -22.21 -2.94 -6.98
C ASP B 52 -20.95 -2.34 -6.31
N ALA B 53 -19.96 -3.19 -6.09
CA ALA B 53 -18.71 -2.75 -5.44
C ALA B 53 -18.00 -1.70 -6.29
N ARG B 54 -18.05 -1.86 -7.60
CA ARG B 54 -17.41 -0.91 -8.50
C ARG B 54 -18.13 0.42 -8.45
N LYS B 55 -19.46 0.38 -8.37
CA LYS B 55 -20.24 1.61 -8.28
C LYS B 55 -19.96 2.32 -6.96
N ARG B 56 -19.87 1.56 -5.87
CA ARG B 56 -19.59 2.18 -4.58
C ARG B 56 -18.17 2.77 -4.53
N ASP B 57 -17.23 2.09 -5.18
CA ASP B 57 -15.83 2.52 -5.24
C ASP B 57 -15.82 3.94 -5.86
N VAL B 58 -16.48 4.09 -6.99
CA VAL B 58 -16.55 5.40 -7.65
C VAL B 58 -17.35 6.43 -6.84
N ALA B 59 -18.52 6.05 -6.34
CA ALA B 59 -19.34 6.98 -5.58
C ALA B 59 -18.63 7.44 -4.31
N ALA B 60 -18.01 6.51 -3.60
CA ALA B 60 -17.33 6.85 -2.36
C ALA B 60 -16.12 7.74 -2.63
N PHE B 61 -15.38 7.47 -3.71
CA PHE B 61 -14.20 8.27 -4.02
C PHE B 61 -14.65 9.70 -4.31
N LEU B 62 -15.65 9.84 -5.19
CA LEU B 62 -16.13 11.17 -5.53
C LEU B 62 -16.79 11.87 -4.34
N ALA B 63 -17.40 11.11 -3.44
CA ALA B 63 -18.06 11.70 -2.26
C ALA B 63 -17.05 12.27 -1.27
N GLN B 64 -16.02 11.49 -0.94
CA GLN B 64 -15.03 11.96 0.03
C GLN B 64 -14.26 13.16 -0.53
N THR B 65 -13.86 13.09 -1.80
CA THR B 65 -13.14 14.22 -2.40
C THR B 65 -14.08 15.42 -2.57
N SER B 66 -15.37 15.18 -2.78
CA SER B 66 -16.31 16.29 -2.91
C SER B 66 -16.37 17.03 -1.57
N HIS B 67 -16.40 16.29 -0.47
CA HIS B 67 -16.42 16.94 0.84
C HIS B 67 -15.16 17.78 1.05
N GLU B 68 -14.01 17.24 0.68
CA GLU B 68 -12.74 17.94 0.85
C GLU B 68 -12.67 19.22 0.03
N THR B 69 -13.51 19.33 -0.99
CA THR B 69 -13.49 20.50 -1.87
C THR B 69 -14.86 21.17 -1.99
N THR B 70 -15.73 20.93 -1.02
CA THR B 70 -17.07 21.47 -1.11
C THR B 70 -17.27 22.97 -0.92
N GLY B 71 -18.22 23.50 -1.67
CA GLY B 71 -18.58 24.91 -1.57
C GLY B 71 -20.07 24.97 -1.28
N GLY B 72 -20.61 23.88 -0.75
CA GLY B 72 -22.03 23.84 -0.48
C GLY B 72 -22.50 24.39 0.85
N TRP B 73 -23.81 24.63 0.94
CA TRP B 73 -24.45 25.12 2.15
C TRP B 73 -25.87 24.57 2.19
N ALA B 74 -26.44 24.47 3.39
CA ALA B 74 -27.78 23.91 3.57
C ALA B 74 -28.85 24.28 2.53
N THR B 75 -28.95 25.56 2.19
CA THR B 75 -29.95 26.01 1.22
C THR B 75 -29.46 26.24 -0.20
N ALA B 76 -28.34 25.64 -0.56
CA ALA B 76 -27.78 25.81 -1.90
C ALA B 76 -28.70 25.18 -2.94
N PRO B 77 -28.62 25.66 -4.19
CA PRO B 77 -29.45 25.11 -5.26
C PRO B 77 -29.11 23.63 -5.42
N ASP B 78 -30.14 22.79 -5.43
CA ASP B 78 -29.96 21.35 -5.58
C ASP B 78 -29.39 20.68 -4.33
N GLY B 79 -29.26 21.46 -3.26
CA GLY B 79 -28.76 20.92 -2.01
C GLY B 79 -27.26 21.01 -1.84
N ALA B 80 -26.83 20.94 -0.59
CA ALA B 80 -25.40 21.05 -0.28
C ALA B 80 -24.55 19.96 -0.93
N PHE B 81 -25.17 18.85 -1.30
CA PHE B 81 -24.42 17.73 -1.88
C PHE B 81 -24.31 17.76 -3.39
N ALA B 82 -24.50 18.96 -3.94
CA ALA B 82 -24.41 19.17 -5.38
C ALA B 82 -23.26 20.15 -5.64
N TRP B 83 -22.58 20.56 -4.57
CA TRP B 83 -21.50 21.52 -4.67
C TRP B 83 -20.07 21.05 -4.39
N GLY B 84 -19.78 19.79 -4.69
CA GLY B 84 -18.42 19.33 -4.48
C GLY B 84 -17.53 19.85 -5.60
N TYR B 85 -16.22 19.70 -5.43
CA TYR B 85 -15.23 20.13 -6.42
C TYR B 85 -15.29 21.60 -6.80
N CYS B 86 -15.60 22.43 -5.81
CA CYS B 86 -15.70 23.87 -5.98
C CYS B 86 -14.34 24.55 -5.81
N PHE B 87 -13.39 23.84 -5.20
CA PHE B 87 -12.03 24.37 -4.97
C PHE B 87 -10.95 23.40 -5.43
N LYS B 88 -9.74 23.90 -5.66
CA LYS B 88 -8.63 23.05 -6.07
C LYS B 88 -7.37 23.36 -5.27
N GLN B 89 -7.40 24.42 -4.47
CA GLN B 89 -6.25 24.79 -3.65
C GLN B 89 -6.74 25.21 -2.27
N GLU B 90 -5.88 24.98 -1.27
CA GLU B 90 -6.21 25.35 0.10
C GLU B 90 -6.58 26.82 0.12
N ARG B 91 -7.66 27.15 0.82
CA ARG B 91 -8.12 28.53 0.93
C ARG B 91 -7.37 29.28 2.02
N GLY B 92 -6.84 30.46 1.68
CA GLY B 92 -6.13 31.27 2.65
C GLY B 92 -4.64 31.42 2.36
N ALA B 93 -3.90 31.94 3.35
CA ALA B 93 -2.47 32.16 3.20
C ALA B 93 -1.71 30.83 3.34
N ALA B 94 -2.41 29.80 3.81
CA ALA B 94 -1.83 28.47 3.95
C ALA B 94 -0.53 28.37 4.77
N ALA B 95 0.42 27.58 4.27
CA ALA B 95 1.70 27.36 4.94
C ALA B 95 2.67 26.66 3.98
N ASP B 96 3.91 26.48 4.40
CA ASP B 96 4.92 25.80 3.57
C ASP B 96 4.67 24.29 3.53
N TYR B 97 4.24 23.73 4.66
CA TYR B 97 4.03 22.29 4.79
C TYR B 97 5.28 21.53 4.35
N CYS B 98 6.44 22.03 4.79
CA CYS B 98 7.71 21.38 4.48
C CYS B 98 8.38 20.88 5.76
N THR B 99 8.50 19.56 5.90
CA THR B 99 9.16 19.00 7.07
C THR B 99 10.44 18.30 6.61
N PRO B 100 11.52 18.42 7.40
CA PRO B 100 12.79 17.78 7.04
C PRO B 100 12.62 16.33 6.63
N SER B 101 13.11 16.01 5.44
CA SER B 101 13.00 14.66 4.92
C SER B 101 14.10 14.37 3.90
N ALA B 102 14.86 13.32 4.14
CA ALA B 102 15.92 12.90 3.23
C ALA B 102 15.30 12.01 2.15
N GLN B 103 14.14 11.42 2.45
CA GLN B 103 13.47 10.56 1.48
C GLN B 103 12.71 11.41 0.45
N TRP B 104 12.05 12.45 0.95
CA TRP B 104 11.25 13.35 0.10
C TRP B 104 11.60 14.80 0.44
N PRO B 105 12.83 15.21 0.12
CA PRO B 105 13.30 16.58 0.40
C PRO B 105 12.49 17.68 -0.28
N CYS B 106 12.25 18.76 0.46
CA CYS B 106 11.49 19.88 -0.11
C CYS B 106 12.38 20.61 -1.10
N ALA B 107 11.75 21.17 -2.12
CA ALA B 107 12.47 21.94 -3.14
C ALA B 107 12.43 23.41 -2.73
N PRO B 108 13.56 24.12 -2.86
CA PRO B 108 13.63 25.53 -2.50
C PRO B 108 12.52 26.38 -3.10
N GLY B 109 11.87 27.19 -2.26
CA GLY B 109 10.84 28.09 -2.72
C GLY B 109 9.47 27.51 -3.02
N LYS B 110 9.31 26.19 -2.87
CA LYS B 110 8.02 25.55 -3.13
C LYS B 110 7.23 25.33 -1.85
N ARG B 111 5.90 25.28 -1.98
CA ARG B 111 5.03 25.04 -0.84
C ARG B 111 4.14 23.85 -1.11
N TYR B 112 3.90 23.05 -0.08
CA TYR B 112 3.11 21.85 -0.26
C TYR B 112 1.74 21.91 0.41
N TYR B 113 1.06 23.06 0.24
CA TYR B 113 -0.26 23.23 0.81
C TYR B 113 -1.26 22.38 0.04
N GLY B 114 -2.47 22.24 0.58
CA GLY B 114 -3.48 21.42 -0.06
C GLY B 114 -3.83 21.75 -1.50
N ARG B 115 -3.78 20.74 -2.36
CA ARG B 115 -4.13 20.89 -3.77
C ARG B 115 -4.89 19.67 -4.29
N GLY B 116 -5.79 19.90 -5.24
CA GLY B 116 -6.52 18.79 -5.80
C GLY B 116 -7.69 18.25 -4.99
N PRO B 117 -8.36 17.21 -5.51
CA PRO B 117 -9.52 16.56 -4.89
C PRO B 117 -9.34 16.04 -3.47
N ILE B 118 -8.14 15.62 -3.10
CA ILE B 118 -7.95 15.10 -1.74
C ILE B 118 -7.15 16.10 -0.90
N GLN B 119 -6.87 17.26 -1.50
CA GLN B 119 -6.13 18.33 -0.83
C GLN B 119 -4.82 17.79 -0.25
N LEU B 120 -4.06 17.17 -1.15
CA LEU B 120 -2.74 16.59 -0.86
C LEU B 120 -1.88 17.66 -0.19
N SER B 121 -1.26 17.32 0.94
CA SER B 121 -0.44 18.26 1.70
C SER B 121 0.87 17.63 2.20
N HIS B 122 1.91 18.48 2.33
CA HIS B 122 3.24 18.10 2.81
C HIS B 122 4.14 17.43 1.80
N ASN B 123 5.44 17.74 1.88
CA ASN B 123 6.41 17.14 0.98
C ASN B 123 6.45 15.61 1.08
N TYR B 124 6.25 15.06 2.29
CA TYR B 124 6.31 13.62 2.43
C TYR B 124 5.11 12.88 1.85
N ASN B 125 4.15 13.64 1.32
CA ASN B 125 3.00 13.05 0.64
C ASN B 125 3.14 13.37 -0.86
N TYR B 126 3.58 14.58 -1.18
CA TYR B 126 3.77 14.93 -2.60
C TYR B 126 4.87 14.04 -3.17
N GLY B 127 5.83 13.67 -2.33
CA GLY B 127 6.92 12.80 -2.76
C GLY B 127 6.45 11.44 -3.29
N PRO B 128 5.81 10.61 -2.45
CA PRO B 128 5.34 9.29 -2.89
C PRO B 128 4.23 9.36 -3.92
N ALA B 129 3.38 10.38 -3.84
CA ALA B 129 2.30 10.53 -4.83
C ALA B 129 2.94 10.78 -6.20
N GLY B 130 3.93 11.65 -6.22
CA GLY B 130 4.62 11.95 -7.48
C GLY B 130 5.30 10.72 -8.04
N ARG B 131 5.99 9.99 -7.18
CA ARG B 131 6.67 8.78 -7.64
C ARG B 131 5.66 7.79 -8.23
N ALA B 132 4.51 7.65 -7.57
CA ALA B 132 3.49 6.72 -8.03
C ALA B 132 2.99 7.04 -9.44
N ILE B 133 2.82 8.33 -9.74
CA ILE B 133 2.30 8.72 -11.05
C ILE B 133 3.37 9.12 -12.06
N GLY B 134 4.64 9.03 -11.67
CA GLY B 134 5.73 9.37 -12.57
C GLY B 134 5.90 10.85 -12.83
N VAL B 135 5.55 11.68 -11.86
CA VAL B 135 5.68 13.14 -11.97
C VAL B 135 6.45 13.67 -10.77
N ASP B 136 7.40 14.57 -11.00
CA ASP B 136 8.18 15.14 -9.90
C ASP B 136 7.37 16.24 -9.23
N LEU B 137 6.52 15.84 -8.27
CA LEU B 137 5.69 16.80 -7.58
C LEU B 137 6.43 17.54 -6.46
N LEU B 138 7.62 17.07 -6.10
CA LEU B 138 8.39 17.76 -5.07
C LEU B 138 8.95 19.03 -5.70
N ARG B 139 9.39 18.93 -6.95
CA ARG B 139 9.94 20.09 -7.63
C ARG B 139 8.87 20.98 -8.27
N ASN B 140 7.72 20.41 -8.60
CA ASN B 140 6.65 21.20 -9.22
C ASN B 140 5.31 20.80 -8.59
N PRO B 141 5.12 21.12 -7.31
CA PRO B 141 3.87 20.77 -6.64
C PRO B 141 2.63 21.46 -7.19
N ASP B 142 2.81 22.60 -7.84
CA ASP B 142 1.68 23.32 -8.39
C ASP B 142 0.96 22.57 -9.50
N LEU B 143 1.60 21.55 -10.07
CA LEU B 143 0.98 20.75 -11.13
C LEU B 143 -0.31 20.12 -10.60
N VAL B 144 -0.38 19.92 -9.28
CA VAL B 144 -1.58 19.32 -8.71
C VAL B 144 -2.76 20.28 -8.79
N ALA B 145 -2.48 21.57 -8.98
CA ALA B 145 -3.55 22.55 -9.08
C ALA B 145 -3.63 23.18 -10.47
N THR B 146 -2.77 22.74 -11.39
CA THR B 146 -2.79 23.30 -12.75
C THR B 146 -3.10 22.29 -13.85
N ASP B 147 -2.89 21.01 -13.59
CA ASP B 147 -3.15 19.95 -14.57
C ASP B 147 -4.19 19.02 -13.94
N PRO B 148 -5.46 19.08 -14.41
CA PRO B 148 -6.52 18.23 -13.85
C PRO B 148 -6.27 16.73 -13.83
N THR B 149 -5.55 16.21 -14.82
CA THR B 149 -5.28 14.78 -14.85
C THR B 149 -4.34 14.45 -13.68
N VAL B 150 -3.28 15.23 -13.50
CA VAL B 150 -2.36 15.01 -12.39
C VAL B 150 -3.14 15.18 -11.09
N SER B 151 -4.01 16.19 -11.06
CA SER B 151 -4.79 16.46 -9.86
C SER B 151 -5.61 15.23 -9.46
N PHE B 152 -6.39 14.68 -10.39
CA PHE B 152 -7.19 13.49 -10.08
C PHE B 152 -6.29 12.30 -9.70
N LYS B 153 -5.16 12.16 -10.37
CA LYS B 153 -4.25 11.05 -10.07
C LYS B 153 -3.74 11.11 -8.63
N THR B 154 -3.48 12.31 -8.08
CA THR B 154 -2.99 12.36 -6.71
C THR B 154 -4.07 11.89 -5.73
N ALA B 155 -5.32 12.19 -6.05
CA ALA B 155 -6.43 11.78 -5.18
C ALA B 155 -6.64 10.28 -5.28
N LEU B 156 -6.50 9.74 -6.48
CA LEU B 156 -6.65 8.30 -6.67
C LEU B 156 -5.49 7.57 -5.99
N TRP B 157 -4.30 8.17 -6.01
CA TRP B 157 -3.16 7.56 -5.33
C TRP B 157 -3.54 7.43 -3.86
N PHE B 158 -4.09 8.49 -3.28
CA PHE B 158 -4.49 8.43 -1.88
C PHE B 158 -5.56 7.37 -1.67
N TRP B 159 -6.52 7.32 -2.58
CA TRP B 159 -7.62 6.35 -2.50
C TRP B 159 -7.14 4.89 -2.53
N MET B 160 -6.14 4.62 -3.37
CA MET B 160 -5.64 3.28 -3.56
C MET B 160 -4.49 2.85 -2.65
N THR B 161 -3.99 3.75 -1.83
CA THR B 161 -2.83 3.46 -0.99
C THR B 161 -3.10 3.24 0.49
N ALA B 162 -2.63 2.11 1.00
CA ALA B 162 -2.80 1.81 2.42
C ALA B 162 -1.77 2.56 3.26
N GLN B 163 -2.11 2.80 4.53
CA GLN B 163 -1.19 3.44 5.48
C GLN B 163 -1.37 2.56 6.71
N ALA B 164 -0.94 1.30 6.59
CA ALA B 164 -1.10 0.30 7.65
C ALA B 164 -0.83 0.88 9.03
N PRO B 165 -1.70 0.57 10.01
CA PRO B 165 -2.90 -0.28 9.97
C PRO B 165 -4.14 0.20 9.21
N LYS B 166 -4.10 1.42 8.67
CA LYS B 166 -5.23 1.90 7.88
C LYS B 166 -5.16 1.21 6.51
N PRO B 167 -6.26 0.57 6.08
CA PRO B 167 -6.23 -0.07 4.77
C PRO B 167 -6.43 1.05 3.76
N SER B 168 -6.42 0.72 2.47
CA SER B 168 -6.68 1.74 1.46
C SER B 168 -8.20 1.89 1.48
N SER B 169 -8.69 3.09 1.17
CA SER B 169 -10.12 3.35 1.13
C SER B 169 -10.75 2.41 0.09
N HIS B 170 -10.01 2.21 -1.00
CA HIS B 170 -10.44 1.32 -2.08
C HIS B 170 -10.71 -0.10 -1.57
N ALA B 171 -9.79 -0.61 -0.76
CA ALA B 171 -9.95 -1.97 -0.23
C ALA B 171 -11.19 -2.07 0.66
N VAL B 172 -11.44 -1.03 1.44
CA VAL B 172 -12.60 -1.05 2.31
C VAL B 172 -13.90 -1.08 1.53
N ILE B 173 -14.06 -0.11 0.63
CA ILE B 173 -15.30 0.00 -0.12
C ILE B 173 -15.60 -1.16 -1.05
N THR B 174 -14.58 -1.88 -1.50
CA THR B 174 -14.80 -2.99 -2.41
C THR B 174 -14.93 -4.33 -1.68
N GLY B 175 -14.90 -4.28 -0.35
CA GLY B 175 -15.04 -5.47 0.45
C GLY B 175 -13.83 -6.37 0.61
N LYS B 176 -12.64 -5.81 0.43
CA LYS B 176 -11.41 -6.59 0.55
C LYS B 176 -10.63 -6.36 1.84
N TRP B 177 -11.15 -5.54 2.73
CA TRP B 177 -10.46 -5.26 3.99
C TRP B 177 -10.84 -6.23 5.10
N SER B 178 -9.84 -6.79 5.77
CA SER B 178 -10.07 -7.70 6.89
C SER B 178 -9.65 -6.99 8.18
N PRO B 179 -10.64 -6.51 8.97
CA PRO B 179 -10.37 -5.81 10.22
C PRO B 179 -9.63 -6.67 11.24
N SER B 180 -8.73 -6.05 11.98
CA SER B 180 -7.97 -6.78 13.00
C SER B 180 -8.80 -6.82 14.28
N GLY B 181 -8.26 -7.51 15.29
CA GLY B 181 -8.95 -7.58 16.56
C GLY B 181 -9.01 -6.18 17.16
N ALA B 182 -7.96 -5.41 16.93
CA ALA B 182 -7.90 -4.03 17.42
C ALA B 182 -9.03 -3.23 16.77
N ASP B 183 -9.21 -3.42 15.46
CA ASP B 183 -10.27 -2.71 14.74
C ASP B 183 -11.64 -3.08 15.29
N ARG B 184 -11.86 -4.37 15.52
CA ARG B 184 -13.12 -4.83 16.08
C ARG B 184 -13.40 -4.20 17.44
N ALA B 185 -12.39 -4.15 18.29
CA ALA B 185 -12.54 -3.57 19.63
C ALA B 185 -12.82 -2.07 19.56
N ALA B 186 -12.32 -1.43 18.51
CA ALA B 186 -12.49 0.02 18.33
C ALA B 186 -13.80 0.34 17.59
N GLY B 187 -14.55 -0.69 17.25
CA GLY B 187 -15.81 -0.48 16.57
C GLY B 187 -15.67 -0.13 15.09
N ARG B 188 -14.50 -0.37 14.52
CA ARG B 188 -14.26 -0.06 13.11
C ARG B 188 -14.66 -1.23 12.22
N ALA B 189 -15.87 -1.15 11.65
CA ALA B 189 -16.39 -2.21 10.78
C ALA B 189 -16.37 -1.72 9.34
N PRO B 190 -16.29 -2.64 8.36
CA PRO B 190 -16.26 -2.24 6.95
C PRO B 190 -17.46 -1.39 6.53
N GLY B 191 -17.16 -0.31 5.80
CA GLY B 191 -18.20 0.59 5.34
C GLY B 191 -17.64 1.97 5.04
N PHE B 192 -18.50 2.87 4.58
CA PHE B 192 -18.09 4.23 4.24
C PHE B 192 -17.52 4.95 5.46
N GLY B 193 -18.08 4.65 6.64
CA GLY B 193 -17.61 5.28 7.86
C GLY B 193 -16.14 5.10 8.15
N VAL B 194 -15.62 3.89 7.98
CA VAL B 194 -14.20 3.71 8.27
C VAL B 194 -13.31 4.48 7.28
N ILE B 195 -13.84 4.77 6.09
CA ILE B 195 -13.08 5.54 5.11
C ILE B 195 -12.95 6.98 5.63
N THR B 196 -14.03 7.49 6.23
CA THR B 196 -13.97 8.83 6.79
C THR B 196 -12.92 8.82 7.90
N ASN B 197 -12.86 7.72 8.66
CA ASN B 197 -11.92 7.57 9.76
C ASN B 197 -10.48 7.58 9.20
N ILE B 198 -10.28 6.83 8.11
CA ILE B 198 -8.97 6.79 7.45
C ILE B 198 -8.53 8.21 7.06
N ILE B 199 -9.47 8.96 6.49
CA ILE B 199 -9.14 10.29 6.01
C ILE B 199 -8.91 11.37 7.07
N ASN B 200 -9.79 11.46 8.05
CA ASN B 200 -9.67 12.51 9.06
C ASN B 200 -10.31 12.12 10.39
N GLY B 201 -10.15 10.86 10.75
CA GLY B 201 -10.75 10.33 11.98
C GLY B 201 -10.36 11.02 13.27
N GLY B 202 -9.10 11.41 13.38
CA GLY B 202 -8.69 12.06 14.61
C GLY B 202 -9.57 13.24 15.00
N LEU B 203 -9.99 14.01 14.01
CA LEU B 203 -10.81 15.17 14.25
C LEU B 203 -12.31 14.99 14.07
N GLU B 204 -12.71 13.96 13.33
CA GLU B 204 -14.13 13.78 13.05
C GLU B 204 -14.84 12.58 13.64
N CYS B 205 -14.10 11.53 13.95
CA CYS B 205 -14.71 10.30 14.41
C CYS B 205 -14.69 9.98 15.89
N GLY B 206 -15.58 9.09 16.28
CA GLY B 206 -15.66 8.63 17.67
C GLY B 206 -16.18 9.58 18.71
N HIS B 207 -16.77 10.71 18.32
CA HIS B 207 -17.30 11.61 19.34
C HIS B 207 -18.75 11.98 19.11
N GLY B 208 -19.50 11.03 18.56
CA GLY B 208 -20.91 11.25 18.32
C GLY B 208 -21.20 11.96 17.01
N GLN B 209 -22.43 12.45 16.88
CA GLN B 209 -22.84 13.16 15.67
C GLN B 209 -21.81 14.23 15.30
N ASP B 210 -21.47 14.31 14.02
CA ASP B 210 -20.49 15.29 13.55
C ASP B 210 -20.93 15.78 12.18
N SER B 211 -21.05 17.09 12.02
CA SER B 211 -21.52 17.66 10.74
C SER B 211 -20.60 17.38 9.55
N ARG B 212 -19.30 17.23 9.79
CA ARG B 212 -18.38 16.94 8.69
C ARG B 212 -18.64 15.52 8.17
N VAL B 213 -18.84 14.60 9.10
CA VAL B 213 -19.12 13.21 8.77
C VAL B 213 -20.44 13.13 8.01
N ALA B 214 -21.43 13.86 8.51
CA ALA B 214 -22.75 13.90 7.88
C ALA B 214 -22.68 14.44 6.46
N ASP B 215 -21.82 15.44 6.23
CA ASP B 215 -21.67 16.02 4.90
C ASP B 215 -21.08 14.97 3.94
N ARG B 216 -20.10 14.22 4.40
CA ARG B 216 -19.51 13.18 3.56
C ARG B 216 -20.58 12.16 3.17
N ILE B 217 -21.41 11.78 4.13
CA ILE B 217 -22.46 10.81 3.89
C ILE B 217 -23.49 11.35 2.90
N GLY B 218 -23.82 12.64 3.00
CA GLY B 218 -24.78 13.24 2.09
C GLY B 218 -24.33 13.09 0.65
N PHE B 219 -23.04 13.36 0.40
CA PHE B 219 -22.48 13.22 -0.94
C PHE B 219 -22.55 11.75 -1.38
N TYR B 220 -22.15 10.85 -0.50
CA TYR B 220 -22.13 9.43 -0.83
C TYR B 220 -23.51 8.92 -1.22
N LYS B 221 -24.53 9.26 -0.43
CA LYS B 221 -25.88 8.81 -0.71
C LYS B 221 -26.38 9.35 -2.06
N ARG B 222 -26.17 10.65 -2.30
CA ARG B 222 -26.60 11.25 -3.56
C ARG B 222 -25.92 10.59 -4.76
N TYR B 223 -24.61 10.33 -4.65
CA TYR B 223 -23.87 9.71 -5.74
C TYR B 223 -24.26 8.25 -5.94
N CYS B 224 -24.50 7.52 -4.85
CA CYS B 224 -24.94 6.14 -4.99
C CYS B 224 -26.31 6.12 -5.67
N ASP B 225 -27.13 7.11 -5.35
CA ASP B 225 -28.47 7.18 -5.94
C ASP B 225 -28.38 7.37 -7.45
N ILE B 226 -27.45 8.22 -7.87
CA ILE B 226 -27.25 8.49 -9.30
C ILE B 226 -26.75 7.25 -10.04
N LEU B 227 -25.81 6.52 -9.44
CA LEU B 227 -25.29 5.31 -10.08
C LEU B 227 -26.24 4.13 -9.93
N GLY B 228 -27.12 4.19 -8.93
CA GLY B 228 -28.06 3.10 -8.73
C GLY B 228 -27.49 1.93 -7.95
N VAL B 229 -27.03 2.19 -6.73
CA VAL B 229 -26.49 1.12 -5.91
C VAL B 229 -26.79 1.42 -4.44
N GLY B 230 -26.92 0.37 -3.64
CA GLY B 230 -27.20 0.55 -2.22
C GLY B 230 -25.97 1.12 -1.54
N TYR B 231 -26.16 1.80 -0.40
CA TYR B 231 -25.03 2.43 0.30
C TYR B 231 -24.14 1.47 1.07
N GLY B 232 -24.71 0.35 1.51
CA GLY B 232 -23.95 -0.59 2.31
C GLY B 232 -24.14 -0.17 3.77
N ASP B 233 -23.54 -0.92 4.69
CA ASP B 233 -23.69 -0.60 6.11
C ASP B 233 -22.60 0.30 6.67
N ASN B 234 -22.76 0.63 7.95
CA ASN B 234 -21.76 1.41 8.68
C ASN B 234 -21.30 2.66 7.97
N LEU B 235 -22.24 3.54 7.64
CA LEU B 235 -21.93 4.78 6.92
C LEU B 235 -21.23 5.83 7.78
N ASP B 236 -21.52 5.85 9.08
CA ASP B 236 -20.91 6.86 9.95
C ASP B 236 -19.81 6.29 10.82
N CYS B 237 -19.02 7.18 11.41
CA CYS B 237 -17.92 6.76 12.29
C CYS B 237 -18.09 7.40 13.67
N TYR B 238 -19.32 7.77 14.01
CA TYR B 238 -19.63 8.42 15.29
C TYR B 238 -19.19 7.64 16.52
N ASN B 239 -19.16 6.32 16.41
CA ASN B 239 -18.78 5.48 17.54
C ASN B 239 -17.50 4.68 17.31
N GLN B 240 -16.76 5.04 16.28
CA GLN B 240 -15.51 4.37 15.95
C GLN B 240 -14.34 5.10 16.59
N ARG B 241 -13.42 4.36 17.23
CA ARG B 241 -12.26 5.03 17.78
C ARG B 241 -11.40 5.38 16.56
N PRO B 242 -10.80 6.57 16.55
CA PRO B 242 -9.96 6.97 15.42
C PRO B 242 -8.75 6.07 15.28
N PHE B 243 -8.27 5.90 14.04
CA PHE B 243 -7.06 5.14 13.82
C PHE B 243 -6.01 6.08 14.41
O1 MES C . 17.99 -4.71 0.00
C2 MES C . 17.92 -4.25 1.37
C3 MES C . 16.65 -4.80 2.04
N4 MES C . 15.47 -4.32 1.29
C5 MES C . 15.57 -4.75 -0.11
C6 MES C . 16.86 -4.21 -0.73
C7 MES C . 14.25 -4.89 1.89
C8 MES C . 14.11 -4.43 3.34
S MES C . 13.98 -2.62 3.52
O1S MES C . 15.34 -2.01 3.34
O2S MES C . 13.46 -2.27 4.88
O3S MES C . 13.04 -2.07 2.48
S SO4 D . 10.16 -24.93 15.17
O1 SO4 D . 10.66 -26.00 14.28
O2 SO4 D . 8.88 -24.42 14.66
O3 SO4 D . 9.97 -25.48 16.53
O4 SO4 D . 11.15 -23.85 15.21
S SO4 E . 9.89 10.54 5.49
O1 SO4 E . 9.29 10.22 4.19
O2 SO4 E . 10.49 11.88 5.45
O3 SO4 E . 8.85 10.51 6.52
O4 SO4 E . 10.91 9.55 5.83
ZN ZN F . 9.50 -27.51 13.63
ZN ZN G . 20.54 -29.51 9.44
ZN ZN H . 21.25 4.33 3.74
ZN ZN I . 23.41 -4.21 -13.37
O1 MES J . -7.05 16.69 5.64
C2 MES J . -6.02 17.12 4.72
C3 MES J . -5.92 16.12 3.57
N4 MES J . -5.60 14.79 4.09
C5 MES J . -6.63 14.38 5.05
C6 MES J . -6.72 15.41 6.18
C7 MES J . -5.56 13.82 2.98
C8 MES J . -4.46 14.20 1.98
S MES J . -2.78 14.12 2.70
O1S MES J . -2.65 15.15 3.79
O2S MES J . -1.77 14.41 1.62
O3S MES J . -2.53 12.75 3.26
S SO4 K . -16.40 18.69 -18.61
O1 SO4 K . -16.32 18.55 -20.07
O2 SO4 K . -15.52 19.79 -18.16
O3 SO4 K . -17.76 19.01 -18.20
O4 SO4 K . -15.97 17.43 -17.98
ZN ZN L . -19.29 17.67 -18.91
#